data_5LSZ
#
_entry.id   5LSZ
#
_cell.length_a   59.475
_cell.length_b   62.021
_cell.length_c   77.626
_cell.angle_alpha   90.00
_cell.angle_beta   90.00
_cell.angle_gamma   90.00
#
_symmetry.space_group_name_H-M   'P 21 21 21'
#
loop_
_entity.id
_entity.type
_entity.pdbx_description
1 polymer 'Histone-lysine N-methyltransferase SETD2'
2 non-polymer 'ZINC ION'
3 non-polymer 'THIOCYANATE ION'
4 non-polymer [(2~{S},5~{R})-1-[(2~{R},3~{S},4~{R},5~{R})-5-(6-aminopurin-9-yl)-3,4-bis(oxidanyl)oxolan-2-yl]-5-azaniumyl-6-oxidanyl-6-oxidanylidene-hexan-2-yl]-(3-oxidanylpropyl)azanium
5 water water
#
_entity_poly.entity_id   1
_entity_poly.type   'polypeptide(L)'
_entity_poly.pdbx_seq_one_letter_code
;MHHHHHHSSGRENLYFQGETSVPPGSALVGPSCVMDDFRDPQRWKECAKQGKMPCYFDLIEENVYLTERKKNKSHRDIKR
MQCECTPLSKDERAQGEIACGEDCLNRLLMIECSSRCPNGDYCSNRRFQRKQHADVEVILTEKKGWGLRAAKDLPSNTFV
LEYCGEVLDHKEFKARVKEYARNKNIHYYFMALKNDEIIDATQKGNCSRFMNHSCEPNCETQKWTVNGQLRVGFFTTKLV
PSGSELTFDYQFQRYGKEAQKCFCGSANCRGYLGGENRVSIRAAGGKMKKERSRK
;
_entity_poly.pdbx_strand_id   A
#
loop_
_chem_comp.id
_chem_comp.type
_chem_comp.name
_chem_comp.formula
76K non-polymer [(2~{S},5~{R})-1-[(2~{R},3~{S},4~{R},5~{R})-5-(6-aminopurin-9-yl)-3,4-bis(oxidanyl)oxolan-2-yl]-5-azaniumyl-6-oxidanyl-6-oxidanylidene-hexan-2-yl]-(3-oxidanylpropyl)azanium 'C18 H31 N7 O6 2'
SCN non-polymer 'THIOCYANATE ION' 'C N S -1'
ZN non-polymer 'ZINC ION' 'Zn 2'
#
# COMPACT_ATOMS: atom_id res chain seq x y z
N GLY A 18 -29.66 -10.83 26.63
CA GLY A 18 -30.71 -11.78 26.19
C GLY A 18 -30.20 -12.93 25.33
N GLU A 19 -31.01 -13.98 25.20
CA GLU A 19 -30.73 -15.08 24.28
C GLU A 19 -30.42 -14.53 22.87
N THR A 20 -29.32 -14.96 22.27
CA THR A 20 -29.01 -14.56 20.88
C THR A 20 -29.51 -15.64 19.91
N SER A 21 -29.65 -15.24 18.65
CA SER A 21 -30.15 -16.11 17.60
C SER A 21 -29.52 -15.70 16.27
N VAL A 22 -29.53 -16.62 15.30
CA VAL A 22 -29.02 -16.36 13.96
C VAL A 22 -29.88 -15.23 13.36
N PRO A 23 -29.26 -14.11 12.91
CA PRO A 23 -30.10 -13.05 12.35
C PRO A 23 -30.80 -13.47 11.03
N PRO A 24 -31.97 -12.86 10.71
CA PRO A 24 -32.57 -13.09 9.40
C PRO A 24 -31.73 -12.50 8.28
N GLY A 25 -31.93 -12.98 7.06
CA GLY A 25 -31.23 -12.42 5.89
C GLY A 25 -31.69 -10.99 5.64
N SER A 26 -30.74 -10.08 5.47
CA SER A 26 -31.02 -8.66 5.25
C SER A 26 -30.30 -8.13 4.01
N ALA A 27 -31.06 -7.93 2.93
CA ALA A 27 -30.59 -7.22 1.73
C ALA A 27 -30.76 -5.71 1.97
N LEU A 28 -29.79 -4.92 1.51
CA LEU A 28 -29.80 -3.47 1.75
C LEU A 28 -30.85 -2.77 0.89
N VAL A 29 -31.27 -1.57 1.34
CA VAL A 29 -32.39 -0.83 0.74
C VAL A 29 -31.99 -0.27 -0.64
N GLY A 30 -30.80 0.32 -0.71
CA GLY A 30 -30.17 0.72 -1.98
C GLY A 30 -28.89 -0.09 -2.20
N PRO A 31 -28.36 -0.07 -3.43
CA PRO A 31 -27.21 -0.92 -3.79
C PRO A 31 -25.90 -0.49 -3.08
N SER A 32 -25.10 -1.47 -2.67
CA SER A 32 -23.91 -1.21 -1.85
C SER A 32 -22.70 -0.82 -2.70
N CYS A 33 -21.65 -0.38 -2.02
CA CYS A 33 -20.44 0.12 -2.67
C CYS A 33 -19.39 -0.98 -2.74
N VAL A 34 -18.75 -1.11 -3.90
CA VAL A 34 -17.81 -2.18 -4.22
C VAL A 34 -16.49 -1.61 -4.77
N MET A 35 -15.46 -2.43 -4.87
CA MET A 35 -14.10 -1.94 -5.21
C MET A 35 -14.01 -1.34 -6.61
N ASP A 36 -14.84 -1.81 -7.54
CA ASP A 36 -14.92 -1.19 -8.88
C ASP A 36 -15.40 0.25 -8.84
N ASP A 37 -16.10 0.65 -7.78
CA ASP A 37 -16.60 2.02 -7.64
C ASP A 37 -15.49 3.06 -7.40
N PHE A 38 -14.29 2.60 -7.05
CA PHE A 38 -13.10 3.49 -7.05
C PHE A 38 -12.69 3.93 -8.47
N ARG A 39 -13.14 3.20 -9.50
CA ARG A 39 -12.96 3.60 -10.91
C ARG A 39 -14.22 4.24 -11.51
N ASP A 40 -15.18 4.62 -10.67
CA ASP A 40 -16.45 5.20 -11.08
C ASP A 40 -16.70 6.44 -10.19
N PRO A 41 -16.08 7.59 -10.53
CA PRO A 41 -16.15 8.85 -9.75
C PRO A 41 -17.53 9.27 -9.27
N GLN A 42 -18.53 9.13 -10.14
CA GLN A 42 -19.90 9.47 -9.84
C GLN A 42 -20.39 8.70 -8.61
N ARG A 43 -20.29 7.37 -8.68
CA ARG A 43 -20.81 6.51 -7.62
C ARG A 43 -20.02 6.57 -6.33
N TRP A 44 -18.70 6.68 -6.46
CA TRP A 44 -17.78 6.93 -5.32
C TRP A 44 -18.20 8.18 -4.54
N LYS A 45 -18.43 9.28 -5.25
CA LYS A 45 -18.80 10.53 -4.61
C LYS A 45 -20.17 10.40 -3.87
N GLU A 46 -21.09 9.61 -4.42
CA GLU A 46 -22.40 9.34 -3.79
C GLU A 46 -22.24 8.50 -2.52
N CYS A 47 -21.47 7.42 -2.65
CA CYS A 47 -21.16 6.52 -1.55
C CYS A 47 -20.43 7.26 -0.43
N ALA A 48 -19.39 8.03 -0.79
CA ALA A 48 -18.65 8.88 0.16
C ALA A 48 -19.52 9.84 0.97
N LYS A 49 -20.53 10.43 0.33
CA LYS A 49 -21.48 11.28 1.04
C LYS A 49 -22.18 10.51 2.20
N GLN A 50 -22.52 9.25 1.95
CA GLN A 50 -23.15 8.39 2.96
C GLN A 50 -22.17 7.71 3.95
N GLY A 51 -20.87 7.99 3.85
CA GLY A 51 -19.87 7.37 4.72
C GLY A 51 -19.62 5.89 4.44
N LYS A 52 -19.96 5.44 3.23
CA LYS A 52 -19.73 4.05 2.82
C LYS A 52 -18.48 3.89 1.97
N MET A 53 -17.86 5.01 1.62
CA MET A 53 -16.57 5.03 0.97
C MET A 53 -15.74 6.16 1.56
N PRO A 54 -14.41 6.06 1.51
CA PRO A 54 -13.55 7.15 2.02
C PRO A 54 -13.66 8.41 1.15
N CYS A 55 -13.16 9.51 1.68
CA CYS A 55 -13.10 10.77 0.93
C CYS A 55 -12.44 10.58 -0.44
N TYR A 56 -12.95 11.30 -1.42
CA TYR A 56 -12.45 11.28 -2.79
C TYR A 56 -10.96 11.65 -2.82
N PHE A 57 -10.23 10.99 -3.72
CA PHE A 57 -8.86 11.37 -4.10
C PHE A 57 -8.74 10.99 -5.59
N ASP A 58 -7.68 11.46 -6.27
CA ASP A 58 -7.48 11.14 -7.67
C ASP A 58 -6.79 9.78 -7.79
N LEU A 59 -7.49 8.80 -8.35
CA LEU A 59 -6.96 7.45 -8.55
C LEU A 59 -6.06 7.49 -9.77
N ILE A 60 -4.80 7.16 -9.58
CA ILE A 60 -3.80 7.10 -10.66
C ILE A 60 -3.25 5.68 -10.92
N GLU A 61 -2.80 5.45 -12.14
CA GLU A 61 -2.32 4.16 -12.60
C GLU A 61 -0.81 4.01 -12.48
N GLU A 62 -0.12 5.14 -12.37
CA GLU A 62 1.32 5.17 -12.22
C GLU A 62 1.73 6.48 -11.56
N ASN A 63 2.93 6.49 -10.99
CA ASN A 63 3.44 7.70 -10.35
C ASN A 63 3.48 8.90 -11.25
N VAL A 64 3.21 10.06 -10.68
CA VAL A 64 3.26 11.33 -11.36
C VAL A 64 4.49 12.11 -10.88
N TYR A 65 5.42 12.38 -11.78
CA TYR A 65 6.61 13.17 -11.44
C TYR A 65 6.34 14.63 -11.65
N LEU A 66 6.76 15.45 -10.70
CA LEU A 66 6.57 16.91 -10.75
C LEU A 66 7.86 17.56 -11.22
N MET A 81 18.52 -5.54 -18.91
CA MET A 81 18.61 -6.69 -18.00
C MET A 81 17.80 -7.88 -18.52
N GLN A 82 18.50 -8.90 -19.03
CA GLN A 82 17.89 -10.11 -19.60
C GLN A 82 18.27 -11.33 -18.75
N CYS A 83 17.28 -12.00 -18.17
CA CYS A 83 17.54 -13.15 -17.29
C CYS A 83 17.94 -14.37 -18.11
N GLU A 84 18.27 -15.47 -17.42
CA GLU A 84 18.78 -16.66 -18.10
C GLU A 84 17.79 -17.85 -18.00
N CYS A 85 16.52 -17.54 -17.74
CA CYS A 85 15.48 -18.55 -17.55
C CYS A 85 15.17 -19.20 -18.89
N THR A 86 15.11 -20.53 -18.90
CA THR A 86 14.85 -21.26 -20.13
C THR A 86 13.38 -21.03 -20.53
N PRO A 87 13.11 -20.73 -21.83
CA PRO A 87 11.71 -20.60 -22.27
C PRO A 87 10.90 -21.88 -21.97
N LEU A 88 9.95 -21.78 -21.05
CA LEU A 88 9.11 -22.96 -20.68
C LEU A 88 8.15 -23.35 -21.81
N ILE A 98 6.59 -22.68 -13.30
CA ILE A 98 6.54 -21.23 -13.04
C ILE A 98 7.61 -20.50 -13.84
N ALA A 99 7.18 -19.60 -14.73
CA ALA A 99 8.09 -18.86 -15.61
C ALA A 99 8.68 -17.68 -14.84
N CYS A 100 10.01 -17.62 -14.78
CA CYS A 100 10.74 -16.57 -14.05
C CYS A 100 10.35 -16.56 -12.57
N GLY A 101 10.43 -17.76 -11.97
CA GLY A 101 10.16 -17.94 -10.57
C GLY A 101 11.32 -17.53 -9.67
N GLU A 102 11.40 -18.14 -8.49
CA GLU A 102 12.37 -17.79 -7.44
C GLU A 102 13.85 -17.74 -7.90
N ASP A 103 14.23 -18.54 -8.89
CA ASP A 103 15.62 -18.59 -9.38
C ASP A 103 15.97 -17.62 -10.52
N CYS A 104 15.01 -16.82 -10.97
CA CYS A 104 15.23 -15.84 -12.03
C CYS A 104 16.24 -14.80 -11.58
N LEU A 105 17.25 -14.58 -12.41
CA LEU A 105 18.33 -13.64 -12.07
C LEU A 105 17.87 -12.17 -11.96
N ASN A 106 16.88 -11.77 -12.75
CA ASN A 106 16.25 -10.46 -12.55
C ASN A 106 15.53 -10.38 -11.20
N ARG A 107 14.68 -11.35 -10.91
CA ARG A 107 13.88 -11.36 -9.68
C ARG A 107 14.78 -11.26 -8.46
N LEU A 108 15.90 -11.98 -8.49
CA LEU A 108 16.79 -11.99 -7.34
C LEU A 108 17.36 -10.62 -7.01
N LEU A 109 17.51 -9.79 -8.02
CA LEU A 109 17.96 -8.40 -7.83
C LEU A 109 16.84 -7.38 -7.73
N MET A 110 15.58 -7.84 -7.61
CA MET A 110 14.44 -6.93 -7.60
C MET A 110 14.36 -6.06 -8.88
N ILE A 111 14.57 -6.71 -10.01
CA ILE A 111 14.44 -6.10 -11.32
C ILE A 111 13.32 -6.86 -12.03
N GLU A 112 12.35 -6.14 -12.57
CA GLU A 112 11.34 -6.83 -13.39
C GLU A 112 11.86 -7.14 -14.77
N CYS A 113 11.31 -8.21 -15.35
CA CYS A 113 11.61 -8.56 -16.73
C CYS A 113 10.97 -7.56 -17.72
N SER A 114 11.49 -7.52 -18.94
CA SER A 114 10.90 -6.72 -20.02
C SER A 114 10.02 -7.60 -20.87
N SER A 115 9.35 -6.99 -21.86
CA SER A 115 8.58 -7.74 -22.84
C SER A 115 9.43 -8.75 -23.62
N ARG A 116 10.75 -8.52 -23.70
CA ARG A 116 11.71 -9.40 -24.37
C ARG A 116 12.13 -10.65 -23.55
N CYS A 117 11.60 -10.80 -22.33
CA CYS A 117 11.87 -11.98 -21.52
C CYS A 117 11.78 -13.30 -22.29
N PRO A 118 12.73 -14.25 -22.08
CA PRO A 118 12.58 -15.55 -22.76
C PRO A 118 11.24 -16.27 -22.53
N ASN A 119 10.53 -15.97 -21.45
CA ASN A 119 9.19 -16.56 -21.23
C ASN A 119 8.01 -15.76 -21.78
N GLY A 120 8.31 -14.68 -22.51
CA GLY A 120 7.30 -13.81 -23.13
C GLY A 120 6.14 -13.46 -22.22
N ASP A 121 4.91 -13.70 -22.70
CA ASP A 121 3.66 -13.36 -21.99
C ASP A 121 3.54 -14.10 -20.65
N TYR A 122 4.15 -15.27 -20.53
CA TYR A 122 3.95 -16.12 -19.36
C TYR A 122 4.90 -15.77 -18.20
N CYS A 123 5.89 -14.92 -18.44
CA CYS A 123 6.73 -14.38 -17.35
C CYS A 123 5.92 -13.97 -16.12
N SER A 124 6.26 -14.50 -14.94
CA SER A 124 5.61 -14.12 -13.71
C SER A 124 6.28 -12.93 -12.99
N ASN A 125 7.30 -12.34 -13.61
CA ASN A 125 8.12 -11.29 -12.99
C ASN A 125 7.92 -9.93 -13.67
N ARG A 126 6.65 -9.64 -13.97
CA ARG A 126 6.24 -8.33 -14.54
C ARG A 126 5.02 -7.81 -13.78
N ARG A 127 4.99 -8.08 -12.48
CA ARG A 127 3.82 -7.80 -11.64
C ARG A 127 3.47 -6.32 -11.58
N PHE A 128 4.46 -5.43 -11.42
CA PHE A 128 4.17 -3.98 -11.43
C PHE A 128 3.65 -3.52 -12.80
N GLN A 129 4.30 -3.97 -13.87
CA GLN A 129 3.92 -3.59 -15.24
C GLN A 129 2.50 -4.07 -15.62
N ARG A 130 2.11 -5.22 -15.08
CA ARG A 130 0.81 -5.80 -15.40
C ARG A 130 -0.23 -5.48 -14.31
N LYS A 131 0.18 -4.73 -13.29
CA LYS A 131 -0.67 -4.35 -12.15
C LYS A 131 -1.38 -5.58 -11.60
N GLN A 132 -0.60 -6.61 -11.32
CA GLN A 132 -1.10 -7.89 -10.85
C GLN A 132 -1.27 -7.82 -9.32
N HIS A 133 -2.12 -6.91 -8.88
CA HIS A 133 -2.33 -6.66 -7.45
C HIS A 133 -3.12 -7.83 -6.85
N ALA A 134 -2.95 -7.98 -5.55
CA ALA A 134 -3.67 -8.99 -4.78
C ALA A 134 -5.14 -8.60 -4.66
N ASP A 135 -5.96 -9.55 -4.29
CA ASP A 135 -7.36 -9.32 -4.07
C ASP A 135 -7.50 -8.64 -2.72
N VAL A 136 -7.76 -7.33 -2.76
CA VAL A 136 -7.88 -6.53 -1.51
C VAL A 136 -9.22 -5.83 -1.46
N GLU A 137 -9.59 -5.46 -0.24
CA GLU A 137 -10.83 -4.73 0.05
C GLU A 137 -10.50 -3.61 0.99
N VAL A 138 -11.24 -2.51 0.90
CA VAL A 138 -11.06 -1.37 1.78
C VAL A 138 -12.08 -1.53 2.92
N ILE A 139 -11.60 -1.27 4.15
CA ILE A 139 -12.40 -1.43 5.36
C ILE A 139 -12.38 -0.17 6.20
N LEU A 140 -13.42 0.03 7.01
CA LEU A 140 -13.44 1.11 7.97
C LEU A 140 -13.15 0.52 9.37
N THR A 141 -12.04 0.93 9.94
CA THR A 141 -11.60 0.44 11.26
C THR A 141 -12.23 1.30 12.35
N GLU A 142 -12.22 0.79 13.59
CA GLU A 142 -12.77 1.52 14.74
C GLU A 142 -12.00 2.81 15.05
N LYS A 143 -10.67 2.77 14.99
CA LYS A 143 -9.83 3.89 15.47
C LYS A 143 -8.87 4.52 14.49
N LYS A 144 -8.52 3.84 13.40
CA LYS A 144 -7.41 4.30 12.52
C LYS A 144 -7.89 4.93 11.20
N GLY A 145 -9.21 5.07 11.04
CA GLY A 145 -9.84 5.40 9.74
C GLY A 145 -9.98 4.17 8.86
N TRP A 146 -9.82 4.36 7.55
CA TRP A 146 -9.94 3.28 6.59
C TRP A 146 -8.68 2.44 6.62
N GLY A 147 -8.78 1.25 6.07
CA GLY A 147 -7.67 0.31 6.01
C GLY A 147 -7.85 -0.63 4.85
N LEU A 148 -6.92 -1.57 4.68
CA LEU A 148 -6.98 -2.60 3.65
C LEU A 148 -7.02 -3.97 4.25
N ARG A 149 -7.79 -4.87 3.66
CA ARG A 149 -7.78 -6.27 4.08
C ARG A 149 -7.62 -7.21 2.92
N ALA A 150 -7.08 -8.37 3.23
CA ALA A 150 -6.93 -9.46 2.24
C ALA A 150 -8.29 -10.10 1.97
N ALA A 151 -8.68 -10.23 0.69
CA ALA A 151 -9.93 -10.90 0.31
C ALA A 151 -9.76 -12.40 0.03
N LYS A 152 -8.52 -12.84 -0.14
CA LYS A 152 -8.14 -14.26 -0.24
C LYS A 152 -6.94 -14.47 0.65
N ASP A 153 -6.63 -15.74 0.96
CA ASP A 153 -5.38 -16.05 1.64
C ASP A 153 -4.22 -15.59 0.75
N LEU A 154 -3.27 -14.86 1.31
CA LEU A 154 -2.07 -14.42 0.58
C LEU A 154 -0.82 -15.10 1.16
N PRO A 155 -0.15 -15.95 0.37
CA PRO A 155 1.15 -16.49 0.77
C PRO A 155 2.17 -15.39 1.03
N SER A 156 3.21 -15.76 1.78
CA SER A 156 4.34 -14.91 2.01
C SER A 156 5.03 -14.46 0.70
N ASN A 157 5.50 -13.22 0.73
CA ASN A 157 6.07 -12.50 -0.42
C ASN A 157 5.14 -12.42 -1.61
N THR A 158 3.84 -12.24 -1.37
CA THR A 158 2.90 -11.91 -2.42
C THR A 158 2.85 -10.39 -2.60
N PHE A 159 2.92 -9.96 -3.86
CA PHE A 159 2.71 -8.56 -4.22
C PHE A 159 1.26 -8.17 -3.90
N VAL A 160 1.12 -7.11 -3.12
CA VAL A 160 -0.19 -6.60 -2.71
C VAL A 160 -0.64 -5.53 -3.70
N LEU A 161 0.08 -4.42 -3.72
CA LEU A 161 -0.25 -3.24 -4.52
C LEU A 161 0.99 -2.38 -4.63
N GLU A 162 1.11 -1.67 -5.75
CA GLU A 162 2.10 -0.57 -5.86
C GLU A 162 1.66 0.64 -5.04
N TYR A 163 2.61 1.24 -4.34
CA TYR A 163 2.40 2.53 -3.69
C TYR A 163 2.62 3.64 -4.73
N CYS A 164 1.52 4.14 -5.31
CA CYS A 164 1.57 5.18 -6.30
C CYS A 164 1.27 6.53 -5.69
N GLY A 165 1.82 7.57 -6.29
CA GLY A 165 1.54 8.91 -5.85
C GLY A 165 2.27 9.95 -6.68
N GLU A 166 2.25 11.18 -6.19
CA GLU A 166 3.05 12.24 -6.76
C GLU A 166 4.47 12.15 -6.22
N VAL A 167 5.46 12.13 -7.09
CA VAL A 167 6.85 12.03 -6.66
C VAL A 167 7.41 13.44 -6.52
N LEU A 168 7.80 13.76 -5.29
CA LEU A 168 8.17 15.09 -4.90
C LEU A 168 9.68 15.21 -4.69
N ASP A 169 10.21 16.34 -5.08
CA ASP A 169 11.59 16.68 -4.71
C ASP A 169 11.62 17.25 -3.29
N HIS A 170 12.80 17.58 -2.77
CA HIS A 170 12.89 18.02 -1.39
C HIS A 170 12.13 19.34 -1.14
N LYS A 171 12.22 20.26 -2.10
CA LYS A 171 11.54 21.56 -2.02
C LYS A 171 10.05 21.41 -1.89
N GLU A 172 9.48 20.61 -2.78
CA GLU A 172 8.03 20.41 -2.75
C GLU A 172 7.60 19.63 -1.52
N PHE A 173 8.38 18.63 -1.12
CA PHE A 173 8.09 17.90 0.11
C PHE A 173 8.03 18.83 1.32
N LYS A 174 9.05 19.68 1.48
CA LYS A 174 9.08 20.61 2.57
C LYS A 174 7.86 21.55 2.52
N ALA A 175 7.49 22.02 1.33
CA ALA A 175 6.33 22.90 1.22
C ALA A 175 5.04 22.17 1.66
N ARG A 176 4.89 20.94 1.21
CA ARG A 176 3.69 20.18 1.56
C ARG A 176 3.63 19.78 3.05
N VAL A 177 4.78 19.46 3.65
CA VAL A 177 4.80 19.15 5.09
C VAL A 177 4.23 20.35 5.86
N LYS A 178 4.65 21.56 5.50
CA LYS A 178 4.16 22.78 6.19
C LYS A 178 2.66 23.00 5.91
N GLU A 179 2.27 22.77 4.67
CA GLU A 179 0.87 22.91 4.25
C GLU A 179 -0.07 21.96 4.99
N TYR A 180 0.32 20.69 5.05
CA TYR A 180 -0.51 19.68 5.71
C TYR A 180 -0.56 19.89 7.23
N ALA A 181 0.55 20.34 7.84
CA ALA A 181 0.55 20.69 9.27
C ALA A 181 -0.37 21.86 9.56
N ARG A 182 -0.29 22.92 8.77
CA ARG A 182 -1.18 24.08 8.96
C ARG A 182 -2.67 23.69 8.79
N ASN A 183 -2.94 22.78 7.86
CA ASN A 183 -4.29 22.27 7.60
C ASN A 183 -4.78 21.25 8.61
N LYS A 184 -3.94 20.86 9.58
CA LYS A 184 -4.26 19.94 10.65
C LYS A 184 -4.73 18.59 10.12
N ASN A 185 -4.09 18.15 9.05
CA ASN A 185 -4.40 16.85 8.45
C ASN A 185 -4.28 15.75 9.47
N ILE A 186 -5.27 14.88 9.49
CA ILE A 186 -5.32 13.76 10.43
C ILE A 186 -4.42 12.59 10.02
N HIS A 187 -4.36 12.31 8.71
CA HIS A 187 -3.57 11.19 8.18
C HIS A 187 -2.49 11.66 7.26
N TYR A 188 -1.41 10.89 7.22
CA TYR A 188 -0.28 11.16 6.36
C TYR A 188 -0.08 10.05 5.37
N TYR A 189 0.47 10.42 4.21
CA TYR A 189 0.55 9.54 3.06
C TYR A 189 1.87 9.65 2.33
N PHE A 190 2.93 10.06 3.04
CA PHE A 190 4.24 10.12 2.47
C PHE A 190 4.97 8.80 2.57
N MET A 191 5.76 8.49 1.55
CA MET A 191 6.71 7.37 1.63
C MET A 191 7.96 7.68 0.83
N ALA A 192 9.13 7.50 1.44
CA ALA A 192 10.38 7.75 0.73
C ALA A 192 10.60 6.73 -0.37
N LEU A 193 11.00 7.23 -1.53
CA LEU A 193 11.35 6.33 -2.65
C LEU A 193 12.86 6.23 -2.76
N LYS A 194 13.53 7.36 -2.78
CA LYS A 194 14.99 7.34 -2.74
C LYS A 194 15.40 8.55 -1.95
N ASN A 195 16.70 8.79 -1.81
CA ASN A 195 17.16 9.81 -0.87
C ASN A 195 16.68 11.22 -1.26
N ASP A 196 16.44 11.49 -2.55
CA ASP A 196 15.93 12.81 -3.02
C ASP A 196 14.47 12.85 -3.57
N GLU A 197 13.71 11.77 -3.36
CA GLU A 197 12.36 11.62 -3.90
C GLU A 197 11.41 11.00 -2.87
N ILE A 198 10.31 11.69 -2.56
CA ILE A 198 9.30 11.20 -1.62
C ILE A 198 7.99 11.09 -2.38
N ILE A 199 7.30 9.96 -2.26
CA ILE A 199 5.99 9.79 -2.91
C ILE A 199 4.94 10.34 -1.94
N ASP A 200 4.03 11.16 -2.47
CA ASP A 200 2.94 11.74 -1.67
C ASP A 200 1.65 11.24 -2.28
N ALA A 201 0.90 10.41 -1.55
CA ALA A 201 -0.39 9.90 -2.02
C ALA A 201 -1.58 10.62 -1.38
N THR A 202 -1.32 11.80 -0.82
CA THR A 202 -2.40 12.56 -0.15
C THR A 202 -3.50 12.93 -1.13
N GLN A 203 -3.11 13.42 -2.32
CA GLN A 203 -4.03 13.95 -3.32
C GLN A 203 -4.29 12.93 -4.45
N LYS A 204 -3.24 12.23 -4.85
CA LYS A 204 -3.29 11.30 -5.99
C LYS A 204 -2.61 10.01 -5.57
N GLY A 205 -3.19 8.83 -5.84
CA GLY A 205 -2.57 7.56 -5.50
C GLY A 205 -3.50 6.43 -5.85
N ASN A 206 -3.37 5.33 -5.12
CA ASN A 206 -4.35 4.23 -5.24
C ASN A 206 -4.72 3.73 -3.84
N CYS A 207 -5.40 2.58 -3.74
CA CYS A 207 -5.90 2.17 -2.44
C CYS A 207 -4.81 1.78 -1.46
N SER A 208 -3.54 1.66 -1.93
CA SER A 208 -2.41 1.39 -1.04
C SER A 208 -2.28 2.54 -0.02
N ARG A 209 -2.82 3.71 -0.33
CA ARG A 209 -2.73 4.84 0.60
C ARG A 209 -3.44 4.54 1.92
N PHE A 210 -4.36 3.57 1.90
CA PHE A 210 -5.11 3.27 3.12
C PHE A 210 -4.40 2.33 4.06
N MET A 211 -3.20 1.83 3.71
CA MET A 211 -2.50 0.85 4.56
C MET A 211 -2.14 1.44 5.93
N ASN A 212 -2.46 0.71 6.98
CA ASN A 212 -2.21 1.15 8.33
C ASN A 212 -0.93 0.56 8.90
N HIS A 213 -0.43 1.27 9.90
CA HIS A 213 0.72 0.86 10.65
C HIS A 213 0.42 -0.19 11.71
N SER A 214 1.32 -1.18 11.84
CA SER A 214 1.31 -2.06 12.99
C SER A 214 2.71 -2.24 13.55
N CYS A 215 2.76 -2.38 14.86
CA CYS A 215 4.01 -2.66 15.53
C CYS A 215 4.48 -4.11 15.28
N GLU A 216 3.58 -4.98 14.80
CA GLU A 216 3.89 -6.35 14.39
C GLU A 216 3.19 -6.58 13.05
N PRO A 217 3.76 -6.01 11.98
CA PRO A 217 3.10 -5.96 10.68
C PRO A 217 3.14 -7.28 9.89
N ASN A 218 2.29 -7.37 8.87
CA ASN A 218 2.29 -8.51 7.97
C ASN A 218 2.70 -8.21 6.54
N CYS A 219 3.02 -6.95 6.23
CA CYS A 219 3.55 -6.56 4.92
C CYS A 219 4.76 -5.67 5.12
N GLU A 220 5.53 -5.53 4.04
CA GLU A 220 6.68 -4.65 3.97
C GLU A 220 6.70 -3.97 2.62
N THR A 221 7.52 -2.95 2.49
CA THR A 221 7.79 -2.37 1.18
C THR A 221 9.02 -3.04 0.54
N GLN A 222 8.95 -3.17 -0.77
CA GLN A 222 10.08 -3.54 -1.60
C GLN A 222 10.20 -2.53 -2.74
N LYS A 223 11.43 -2.12 -3.04
CA LYS A 223 11.72 -1.19 -4.12
C LYS A 223 12.30 -1.95 -5.31
N TRP A 224 11.53 -1.99 -6.40
CA TRP A 224 11.86 -2.75 -7.59
C TRP A 224 12.20 -1.81 -8.75
N THR A 225 13.10 -2.26 -9.61
CA THR A 225 13.50 -1.51 -10.81
C THR A 225 12.67 -2.06 -11.98
N VAL A 226 11.94 -1.17 -12.62
CA VAL A 226 11.02 -1.49 -13.73
C VAL A 226 11.40 -0.54 -14.85
N ASN A 227 11.96 -1.10 -15.89
CA ASN A 227 12.47 -0.34 -17.03
CA ASN A 227 12.46 -0.35 -17.02
C ASN A 227 13.34 0.83 -16.59
N GLY A 228 14.26 0.54 -15.69
CA GLY A 228 15.24 1.52 -15.21
C GLY A 228 14.78 2.48 -14.14
N GLN A 229 13.50 2.40 -13.77
CA GLN A 229 12.87 3.33 -12.83
C GLN A 229 12.49 2.60 -11.55
N LEU A 230 12.83 3.18 -10.42
CA LEU A 230 12.50 2.57 -9.13
C LEU A 230 11.04 2.81 -8.81
N ARG A 231 10.36 1.76 -8.37
CA ARG A 231 8.98 1.81 -7.94
C ARG A 231 8.88 1.08 -6.61
N VAL A 232 7.86 1.39 -5.81
CA VAL A 232 7.74 0.75 -4.52
C VAL A 232 6.39 0.07 -4.39
N GLY A 233 6.42 -1.12 -3.84
CA GLY A 233 5.21 -1.90 -3.62
C GLY A 233 5.16 -2.50 -2.24
N PHE A 234 3.95 -2.87 -1.85
CA PHE A 234 3.73 -3.59 -0.61
C PHE A 234 3.71 -5.08 -0.93
N PHE A 235 4.36 -5.86 -0.09
CA PHE A 235 4.42 -7.32 -0.22
C PHE A 235 4.20 -7.96 1.14
N THR A 236 3.51 -9.08 1.19
CA THR A 236 3.32 -9.76 2.46
C THR A 236 4.65 -10.34 2.97
N THR A 237 4.80 -10.42 4.29
CA THR A 237 5.97 -11.06 4.88
C THR A 237 5.64 -12.36 5.58
N LYS A 238 4.38 -12.74 5.55
CA LYS A 238 3.95 -14.02 6.05
C LYS A 238 2.66 -14.39 5.32
N LEU A 239 2.18 -15.61 5.53
CA LEU A 239 0.85 -15.98 5.06
C LEU A 239 -0.15 -15.07 5.76
N VAL A 240 -0.97 -14.36 4.99
CA VAL A 240 -2.03 -13.50 5.53
C VAL A 240 -3.37 -14.17 5.20
N PRO A 241 -4.10 -14.60 6.24
CA PRO A 241 -5.34 -15.26 5.89
C PRO A 241 -6.41 -14.30 5.38
N SER A 242 -7.32 -14.86 4.59
CA SER A 242 -8.46 -14.10 4.10
C SER A 242 -9.18 -13.42 5.25
N GLY A 243 -9.53 -12.16 5.04
CA GLY A 243 -10.20 -11.32 6.03
C GLY A 243 -9.32 -10.53 6.98
N SER A 244 -8.01 -10.75 6.94
CA SER A 244 -7.06 -10.09 7.83
C SER A 244 -6.67 -8.72 7.30
N GLU A 245 -6.60 -7.74 8.19
CA GLU A 245 -6.13 -6.42 7.80
C GLU A 245 -4.64 -6.52 7.40
N LEU A 246 -4.29 -5.81 6.33
CA LEU A 246 -2.91 -5.73 5.86
C LEU A 246 -2.27 -4.54 6.54
N THR A 247 -1.07 -4.75 7.08
CA THR A 247 -0.40 -3.72 7.87
C THR A 247 1.07 -3.69 7.56
N PHE A 248 1.70 -2.57 7.87
CA PHE A 248 3.17 -2.40 7.62
C PHE A 248 3.80 -1.53 8.71
N ASP A 249 5.12 -1.49 8.71
CA ASP A 249 5.87 -0.59 9.60
C ASP A 249 5.95 0.76 8.91
N TYR A 250 5.19 1.74 9.37
CA TYR A 250 5.17 3.07 8.71
C TYR A 250 6.37 3.89 9.16
N GLN A 251 7.49 3.60 8.53
CA GLN A 251 8.78 4.15 8.92
C GLN A 251 8.80 5.69 8.87
N PHE A 252 8.14 6.26 7.86
CA PHE A 252 8.13 7.71 7.72
C PHE A 252 7.65 8.40 9.00
N GLN A 253 6.55 7.90 9.55
CA GLN A 253 6.02 8.45 10.78
C GLN A 253 6.69 7.92 12.02
N ARG A 254 7.11 6.67 11.99
CA ARG A 254 7.67 6.05 13.20
C ARG A 254 8.91 6.81 13.68
N TYR A 255 9.76 7.19 12.71
CA TYR A 255 11.01 7.88 13.05
C TYR A 255 10.94 9.38 12.92
N GLY A 256 9.74 9.91 12.70
CA GLY A 256 9.49 11.35 12.75
C GLY A 256 9.52 11.88 14.16
N LYS A 257 9.53 13.20 14.29
CA LYS A 257 9.72 13.87 15.58
C LYS A 257 8.51 13.78 16.50
N GLU A 258 7.32 13.89 15.93
CA GLU A 258 6.11 13.91 16.75
C GLU A 258 5.51 12.55 16.87
N ALA A 259 4.68 12.39 17.89
CA ALA A 259 4.09 11.08 18.15
C ALA A 259 2.58 11.13 18.25
N GLN A 260 1.95 9.96 18.13
CA GLN A 260 0.55 9.83 18.35
C GLN A 260 0.24 8.45 18.91
N LYS A 261 -0.90 8.33 19.58
CA LYS A 261 -1.33 7.02 20.07
C LYS A 261 -1.35 5.98 18.95
N CYS A 262 -0.80 4.78 19.23
CA CYS A 262 -0.84 3.68 18.28
C CYS A 262 -2.03 2.78 18.62
N PHE A 263 -2.92 2.59 17.63
CA PHE A 263 -4.10 1.75 17.78
C PHE A 263 -3.95 0.37 17.12
N CYS A 264 -2.72 -0.12 16.92
CA CYS A 264 -2.54 -1.38 16.20
C CYS A 264 -3.07 -2.59 16.94
N GLY A 265 -3.13 -2.55 18.28
CA GLY A 265 -3.64 -3.69 19.06
C GLY A 265 -2.72 -4.87 19.22
N SER A 266 -1.49 -4.76 18.69
CA SER A 266 -0.59 -5.91 18.68
C SER A 266 -0.13 -6.23 20.11
N ALA A 267 0.13 -7.50 20.37
CA ALA A 267 0.59 -7.93 21.69
C ALA A 267 1.75 -7.13 22.22
N ASN A 268 2.66 -6.70 21.35
CA ASN A 268 3.85 -5.92 21.74
C ASN A 268 3.91 -4.52 21.11
N CYS A 269 2.74 -3.90 21.05
CA CYS A 269 2.61 -2.54 20.57
C CYS A 269 3.48 -1.63 21.41
N ARG A 270 4.24 -0.81 20.71
CA ARG A 270 5.11 0.18 21.33
C ARG A 270 4.37 1.37 21.95
N GLY A 271 3.04 1.45 21.80
CA GLY A 271 2.18 2.40 22.51
C GLY A 271 1.88 3.69 21.76
N TYR A 272 2.91 4.18 21.10
CA TYR A 272 2.78 5.30 20.22
C TYR A 272 3.56 5.12 18.97
N LEU A 273 3.17 5.89 17.97
CA LEU A 273 3.72 5.85 16.64
C LEU A 273 4.39 7.20 16.47
N GLY A 274 5.70 7.21 16.25
CA GLY A 274 6.47 8.45 16.14
C GLY A 274 7.34 8.71 17.35
N GLY A 275 8.25 9.67 17.21
CA GLY A 275 9.15 10.04 18.30
C GLY A 275 10.22 9.00 18.62
N GLU A 276 10.50 8.13 17.66
CA GLU A 276 11.44 7.05 17.84
C GLU A 276 12.68 7.33 17.01
N ASN A 277 13.82 6.83 17.47
CA ASN A 277 15.04 6.81 16.66
C ASN A 277 15.48 5.39 16.37
N ARG A 278 16.05 5.17 15.19
CA ARG A 278 16.69 3.88 14.93
C ARG A 278 17.85 3.64 15.91
N VAL A 279 18.18 2.37 16.12
CA VAL A 279 19.21 1.97 17.05
C VAL A 279 20.54 2.62 16.67
N SER A 280 21.19 3.23 17.64
CA SER A 280 22.56 3.75 17.50
C SER A 280 23.38 3.53 18.75
N ILE A 281 24.69 3.58 18.57
CA ILE A 281 25.64 3.40 19.66
C ILE A 281 26.39 4.70 19.71
N ARG A 282 26.14 5.50 20.75
CA ARG A 282 26.53 6.89 20.72
C ARG A 282 27.89 7.20 21.30
N ALA A 283 28.42 8.36 20.88
CA ALA A 283 29.60 9.05 21.43
C ALA A 283 30.86 8.66 20.66
ZN ZN B . 13.77 -14.97 -15.64
ZN ZN C . 10.75 -13.01 -17.07
ZN ZN D . 1.25 -0.38 17.91
S SCN E . 13.53 -12.06 -18.33
C SCN E . 13.85 -10.71 -18.91
N SCN E . 14.10 -9.66 -19.36
S SCN F . 7.33 4.45 5.07
C SCN F . 7.53 2.97 4.99
N SCN F . 7.68 1.83 4.92
C2 76K G . -2.10 3.20 13.93
C6 76K G . -2.76 5.00 12.55
C8 76K G . -2.39 4.13 10.56
C10 76K G . -2.27 3.71 12.64
C11 76K G . -3.30 6.49 10.56
C13 76K G . -2.21 7.08 8.53
C14 76K G . -1.48 6.25 7.47
C15 76K G . -2.21 6.10 6.13
C16 76K G . -3.58 5.43 6.26
C24 76K G . 0.05 5.60 5.00
C25 76K G . 0.59 4.96 3.75
C26 76K G . 2.05 5.29 3.51
C28 76K G . -1.31 7.51 9.68
N1 76K G . -1.63 1.97 14.17
N3 76K G . -2.42 4.00 15.00
C4 76K G . -2.89 5.23 14.75
N5 76K G . -3.09 5.82 13.57
N7 76K G . -2.84 5.26 11.19
N9 76K G . -2.05 3.19 11.38
O12 76K G . -3.28 6.30 9.13
C17 76K G . -4.74 6.38 6.40
C18 76K G . -6.08 5.68 6.44
N19 76K G . -6.30 5.01 7.76
C20 76K G . -7.25 6.64 6.12
O21 76K G . -8.20 6.66 6.95
O22 76K G . -7.16 7.33 5.08
N23 76K G . -1.40 5.27 5.17
O27 76K G . 2.20 6.68 3.31
O29 76K G . -0.62 8.72 9.35
C30 76K G . -2.32 7.66 10.83
O31 76K G . -2.99 8.91 10.78
H46 76K G . -2.34 4.05 9.61
H32 76K G . -4.20 6.70 10.89
H33 76K G . -2.60 7.87 8.09
H47 76K G . -0.61 6.67 7.30
H48 76K G . -1.32 5.36 7.83
H34 76K G . -2.33 7.00 5.73
H49 76K G . -3.73 4.87 5.46
H50 76K G . -3.56 4.83 7.04
H54 76K G . 0.14 6.57 4.95
H53 76K G . 0.54 5.28 5.78
H55 76K G . 0.07 5.26 2.97
H56 76K G . 0.50 3.99 3.82
H57 76K G . 2.37 4.80 2.73
H58 76K G . 2.57 5.01 4.29
H41 76K G . -0.64 6.81 9.89
H43 76K G . -1.42 1.44 13.48
H44 76K G . -1.53 1.68 14.99
H45 76K G . -3.09 5.75 15.52
H52 76K G . -4.72 7.01 5.65
H51 76K G . -4.63 6.90 7.22
H35 76K G . -6.09 4.98 5.74
H36 76K G . -7.00 5.39 8.20
H37 76K G . -5.55 5.08 8.27
H38 76K G . -6.48 4.12 7.62
H39 76K G . -1.79 5.33 4.34
H40 76K G . -1.45 4.39 5.43
H59 76K G . 1.42 7.05 3.34
H60 76K G . -0.87 8.97 8.56
H42 76K G . -1.87 7.56 11.70
H61 76K G . -2.71 9.36 10.11
#